data_6YK3
#
_entry.id   6YK3
#
_cell.length_a   59.351
_cell.length_b   96.826
_cell.length_c   48.538
_cell.angle_alpha   90.000
_cell.angle_beta   90.000
_cell.angle_gamma   90.000
#
_symmetry.space_group_name_H-M   'P 21 21 2'
#
loop_
_entity.id
_entity.type
_entity.pdbx_description
1 polymer 'Glutamate receptor 2,Glutamate receptor 2'
2 non-polymer GLYCEROL
3 non-polymer 'SULFATE ION'
4 non-polymer "(S)-1-[2'-Amino-2'-carboxyethyl]-5,7-dihydropyrrolo[3,4-d]pyrimidin-2,4(1H,3H)-dione"
5 non-polymer 'AMMONIUM ION'
6 non-polymer 'CHLORIDE ION'
7 water water
#
_entity_poly.entity_id   1
_entity_poly.type   'polypeptide(L)'
_entity_poly.pdbx_seq_one_letter_code
;GANKTVVVTTILESPYVMMKKNHEMLEGNERYEGYCVDLAAEIAKHCGFKYKLTIVGDGKYGARDADTKIWNGMVGELVY
GKADIAIAPLTITLVREEVIDFSKPFMSLGISIMIKKGTPIESAEDLSKQTEIAYGTLDSGSTKEFFRRSKIAVFDKMWT
YMRSAEPSVFVRTTAEGVARVRKSKGKYAYLLESTMNEYIEQRKPCDTMKVGGNLDSKGYGIATPKGSSLGNAVNLAVLK
LNEQGLLDKLKNKWWYDKGECGSG
;
_entity_poly.pdbx_strand_id   A
#
loop_
_chem_comp.id
_chem_comp.type
_chem_comp.name
_chem_comp.formula
CL non-polymer 'CHLORIDE ION' 'Cl -1'
GOL non-polymer GLYCEROL 'C3 H8 O3'
NH4 non-polymer 'AMMONIUM ION' 'H4 N 1'
PVQ non-polymer (S)-1-[2'-Amino-2'-carboxyethyl]-5,7-dihydropyrrolo[3,4-d]pyrimidin-2,4(1H,3H)-dione 'C9 H12 N4 O4'
SO4 non-polymer 'SULFATE ION' 'O4 S -2'
#
# COMPACT_ATOMS: atom_id res chain seq x y z
N GLY A 1 22.20 11.26 -24.01
CA GLY A 1 23.24 10.41 -23.37
C GLY A 1 22.91 8.94 -23.40
N ALA A 2 23.86 8.14 -22.93
CA ALA A 2 23.67 6.69 -22.87
C ALA A 2 22.61 6.33 -21.85
N ASN A 3 22.02 5.15 -22.04
CA ASN A 3 21.11 4.61 -21.04
C ASN A 3 21.83 4.46 -19.71
N LYS A 4 21.09 4.69 -18.62
CA LYS A 4 21.57 4.48 -17.26
C LYS A 4 20.63 3.54 -16.53
N THR A 5 21.17 2.79 -15.57
CA THR A 5 20.34 1.92 -14.74
C THR A 5 19.31 2.76 -14.00
N VAL A 6 18.08 2.29 -14.03
CA VAL A 6 16.96 2.97 -13.42
C VAL A 6 16.93 2.63 -11.93
N VAL A 7 16.87 3.66 -11.09
CA VAL A 7 16.78 3.48 -9.64
C VAL A 7 15.32 3.37 -9.24
N VAL A 8 14.95 2.21 -8.73
CA VAL A 8 13.58 1.94 -8.27
C VAL A 8 13.58 2.11 -6.76
N THR A 9 12.62 2.86 -6.23
CA THR A 9 12.37 2.89 -4.80
C THR A 9 11.13 2.06 -4.48
N THR A 10 11.21 1.31 -3.39
CA THR A 10 10.13 0.49 -2.91
C THR A 10 10.24 0.37 -1.41
N ILE A 11 9.35 -0.41 -0.82
CA ILE A 11 9.27 -0.52 0.63
C ILE A 11 9.07 -1.99 0.99
N LEU A 12 9.66 -2.43 2.11
CA LEU A 12 9.46 -3.79 2.57
C LEU A 12 8.10 -3.91 3.22
N GLU A 13 7.18 -4.58 2.56
CA GLU A 13 5.81 -4.76 3.00
C GLU A 13 5.34 -6.05 2.33
N SER A 14 5.03 -7.08 3.11
CA SER A 14 4.58 -8.33 2.52
CA SER A 14 4.57 -8.34 2.54
C SER A 14 3.14 -8.17 2.04
N PRO A 15 2.77 -8.78 0.91
CA PRO A 15 3.55 -9.67 0.04
C PRO A 15 4.17 -8.94 -1.17
N TYR A 16 4.31 -7.62 -1.08
CA TYR A 16 4.78 -6.82 -2.20
C TYR A 16 6.29 -6.94 -2.38
N VAL A 17 7.06 -6.75 -1.31
CA VAL A 17 8.52 -6.82 -1.33
C VAL A 17 8.94 -7.41 0.01
N MET A 18 9.69 -8.50 -0.06
CA MET A 18 10.22 -9.17 1.11
CA MET A 18 10.18 -9.23 1.09
C MET A 18 11.63 -9.65 0.80
N MET A 19 12.46 -9.70 1.81
CA MET A 19 13.75 -10.36 1.61
CA MET A 19 13.75 -10.37 1.70
C MET A 19 13.50 -11.87 1.59
N LYS A 20 14.07 -12.53 0.59
CA LYS A 20 13.96 -13.98 0.50
C LYS A 20 14.55 -14.61 1.74
N LYS A 21 14.06 -15.81 2.07
CA LYS A 21 14.59 -16.50 3.24
C LYS A 21 16.10 -16.66 3.15
N ASN A 22 16.61 -16.93 1.95
CA ASN A 22 18.03 -17.15 1.74
C ASN A 22 18.73 -15.91 1.23
N HIS A 23 18.23 -14.71 1.57
CA HIS A 23 18.79 -13.48 1.03
C HIS A 23 20.28 -13.31 1.30
N GLU A 24 20.77 -13.82 2.43
CA GLU A 24 22.16 -13.63 2.77
C GLU A 24 23.09 -14.25 1.73
N MET A 25 22.65 -15.30 1.03
CA MET A 25 23.45 -15.96 0.02
C MET A 25 23.46 -15.21 -1.31
N LEU A 26 22.56 -14.25 -1.48
CA LEU A 26 22.26 -13.65 -2.76
C LEU A 26 22.78 -12.22 -2.79
N GLU A 27 22.62 -11.58 -3.96
CA GLU A 27 23.04 -10.18 -4.09
C GLU A 27 22.10 -9.45 -5.06
N GLY A 28 22.08 -8.15 -4.91
CA GLY A 28 21.33 -7.30 -5.81
C GLY A 28 19.84 -7.53 -5.76
N ASN A 29 19.20 -7.36 -6.91
CA ASN A 29 17.75 -7.48 -6.96
C ASN A 29 17.28 -8.87 -6.58
N GLU A 30 18.14 -9.88 -6.74
CA GLU A 30 17.76 -11.26 -6.44
C GLU A 30 17.54 -11.51 -4.95
N ARG A 31 17.93 -10.59 -4.06
CA ARG A 31 17.67 -10.75 -2.65
C ARG A 31 16.19 -10.69 -2.31
N TYR A 32 15.37 -10.07 -3.17
CA TYR A 32 14.00 -9.71 -2.86
C TYR A 32 13.03 -10.57 -3.65
N GLU A 33 11.81 -10.72 -3.10
CA GLU A 33 10.73 -11.40 -3.79
C GLU A 33 9.41 -10.74 -3.42
N GLY A 34 8.40 -10.98 -4.23
CA GLY A 34 7.04 -10.52 -3.97
C GLY A 34 6.36 -9.95 -5.21
N TYR A 35 5.12 -9.51 -5.00
CA TYR A 35 4.30 -8.96 -6.07
C TYR A 35 5.00 -7.81 -6.77
N CYS A 36 5.49 -6.82 -6.01
CA CYS A 36 6.10 -5.66 -6.66
C CYS A 36 7.47 -5.96 -7.25
N VAL A 37 8.18 -6.95 -6.71
CA VAL A 37 9.42 -7.43 -7.31
C VAL A 37 9.13 -8.00 -8.68
N ASP A 38 8.09 -8.84 -8.76
CA ASP A 38 7.72 -9.43 -10.03
C ASP A 38 7.19 -8.37 -10.99
N LEU A 39 6.42 -7.42 -10.47
CA LEU A 39 5.89 -6.34 -11.31
C LEU A 39 7.02 -5.48 -11.87
N ALA A 40 8.01 -5.15 -11.04
CA ALA A 40 9.15 -4.38 -11.53
C ALA A 40 9.83 -5.10 -12.68
N ALA A 41 10.03 -6.40 -12.54
CA ALA A 41 10.70 -7.17 -13.58
C ALA A 41 9.86 -7.19 -14.86
N GLU A 42 8.55 -7.31 -14.74
CA GLU A 42 7.69 -7.32 -15.92
CA GLU A 42 7.69 -7.34 -15.92
C GLU A 42 7.70 -5.98 -16.62
N ILE A 43 7.65 -4.89 -15.85
CA ILE A 43 7.69 -3.56 -16.44
CA ILE A 43 7.69 -3.55 -16.43
C ILE A 43 9.01 -3.34 -17.15
N ALA A 44 10.12 -3.71 -16.49
CA ALA A 44 11.44 -3.53 -17.09
C ALA A 44 11.59 -4.36 -18.36
N LYS A 45 11.04 -5.57 -18.37
CA LYS A 45 11.10 -6.41 -19.57
C LYS A 45 10.35 -5.76 -20.71
N HIS A 46 9.18 -5.22 -20.44
CA HIS A 46 8.39 -4.61 -21.50
CA HIS A 46 8.39 -4.62 -21.51
C HIS A 46 9.02 -3.32 -22.01
N CYS A 47 9.59 -2.51 -21.11
CA CYS A 47 10.11 -1.21 -21.46
C CYS A 47 11.58 -1.23 -21.88
N GLY A 48 12.27 -2.33 -21.62
CA GLY A 48 13.65 -2.48 -22.03
C GLY A 48 14.64 -1.67 -21.24
N PHE A 49 14.52 -1.64 -19.92
CA PHE A 49 15.52 -0.98 -19.09
C PHE A 49 16.07 -1.93 -18.04
N LYS A 50 17.28 -1.61 -17.59
CA LYS A 50 17.91 -2.25 -16.44
CA LYS A 50 17.91 -2.26 -16.45
C LYS A 50 17.65 -1.41 -15.22
N TYR A 51 17.58 -2.05 -14.05
CA TYR A 51 17.16 -1.35 -12.85
C TYR A 51 17.78 -1.93 -11.60
N LYS A 52 17.75 -1.12 -10.54
CA LYS A 52 18.23 -1.50 -9.21
CA LYS A 52 18.22 -1.51 -9.22
C LYS A 52 17.12 -1.22 -8.21
N LEU A 53 16.74 -2.24 -7.46
CA LEU A 53 15.77 -2.08 -6.37
C LEU A 53 16.46 -1.51 -5.14
N THR A 54 15.92 -0.41 -4.64
CA THR A 54 16.36 0.23 -3.41
C THR A 54 15.16 0.38 -2.47
N ILE A 55 15.46 0.45 -1.18
CA ILE A 55 14.42 0.54 -0.14
C ILE A 55 14.37 1.96 0.39
N VAL A 56 13.18 2.55 0.33
CA VAL A 56 12.99 3.94 0.73
C VAL A 56 13.60 4.20 2.10
N GLY A 57 14.40 5.26 2.19
CA GLY A 57 15.22 5.47 3.37
C GLY A 57 14.42 5.73 4.62
N ASP A 58 13.29 6.44 4.51
CA ASP A 58 12.51 6.87 5.67
C ASP A 58 11.30 6.01 5.96
N GLY A 59 11.09 4.94 5.22
CA GLY A 59 10.00 4.01 5.47
C GLY A 59 8.62 4.55 5.23
N LYS A 60 8.47 5.60 4.44
CA LYS A 60 7.17 6.23 4.24
CA LYS A 60 7.19 6.27 4.24
C LYS A 60 6.74 6.22 2.78
N TYR A 61 5.43 6.46 2.60
CA TYR A 61 4.81 6.44 1.28
C TYR A 61 4.95 7.80 0.58
N GLY A 62 4.39 8.87 1.18
CA GLY A 62 4.64 10.19 0.65
C GLY A 62 3.62 11.21 1.11
N ALA A 63 4.11 12.19 1.87
CA ALA A 63 3.30 13.31 2.34
C ALA A 63 4.18 14.53 2.42
N ARG A 64 3.53 15.69 2.44
CA ARG A 64 4.21 16.96 2.47
CA ARG A 64 4.17 16.99 2.44
C ARG A 64 4.03 17.61 3.83
N ASP A 65 5.14 17.99 4.44
CA ASP A 65 5.06 18.69 5.73
C ASP A 65 4.50 20.10 5.51
N ALA A 66 3.47 20.44 6.30
CA ALA A 66 2.78 21.70 6.09
C ALA A 66 3.67 22.91 6.36
N ASP A 67 4.65 22.76 7.24
CA ASP A 67 5.54 23.85 7.61
C ASP A 67 6.75 23.97 6.67
N THR A 68 7.47 22.88 6.49
CA THR A 68 8.69 22.94 5.68
C THR A 68 8.42 22.79 4.20
N LYS A 69 7.23 22.30 3.82
CA LYS A 69 6.84 22.00 2.44
C LYS A 69 7.64 20.85 1.85
N ILE A 70 8.36 20.07 2.69
CA ILE A 70 9.18 18.97 2.19
C ILE A 70 8.33 17.71 2.06
N TRP A 71 8.53 17.00 0.97
CA TRP A 71 7.91 15.70 0.72
C TRP A 71 8.78 14.58 1.27
N ASN A 72 8.15 13.67 1.99
CA ASN A 72 8.83 12.50 2.53
C ASN A 72 8.47 11.25 1.72
N GLY A 73 9.02 10.12 2.17
CA GLY A 73 8.68 8.84 1.60
C GLY A 73 9.16 8.64 0.16
N MET A 74 8.55 7.64 -0.50
CA MET A 74 8.87 7.35 -1.89
C MET A 74 8.51 8.50 -2.79
N VAL A 75 7.40 9.20 -2.52
CA VAL A 75 7.09 10.39 -3.30
C VAL A 75 8.23 11.39 -3.22
N GLY A 76 8.72 11.65 -2.01
CA GLY A 76 9.83 12.56 -1.86
C GLY A 76 11.08 12.13 -2.61
N GLU A 77 11.39 10.83 -2.58
CA GLU A 77 12.54 10.37 -3.33
C GLU A 77 12.41 10.72 -4.81
N LEU A 78 11.22 10.60 -5.36
CA LEU A 78 11.00 11.00 -6.75
C LEU A 78 11.11 12.52 -6.93
N VAL A 79 10.42 13.27 -6.08
CA VAL A 79 10.40 14.73 -6.17
C VAL A 79 11.81 15.30 -6.16
N TYR A 80 12.67 14.77 -5.30
CA TYR A 80 14.02 15.26 -5.13
C TYR A 80 15.04 14.56 -6.00
N GLY A 81 14.61 13.62 -6.84
CA GLY A 81 15.50 13.01 -7.81
C GLY A 81 16.37 11.91 -7.29
N LYS A 82 16.08 11.37 -6.10
CA LYS A 82 16.88 10.32 -5.52
C LYS A 82 16.50 8.96 -6.06
N ALA A 83 15.32 8.83 -6.67
CA ALA A 83 14.92 7.62 -7.37
C ALA A 83 14.26 8.04 -8.67
N ASP A 84 14.22 7.11 -9.63
CA ASP A 84 13.62 7.34 -10.93
C ASP A 84 12.19 6.84 -11.04
N ILE A 85 11.82 5.86 -10.22
CA ILE A 85 10.50 5.24 -10.30
C ILE A 85 10.23 4.62 -8.95
N ALA A 86 8.96 4.66 -8.52
CA ALA A 86 8.52 3.98 -7.30
C ALA A 86 7.54 2.89 -7.71
N ILE A 87 7.80 1.67 -7.24
CA ILE A 87 7.01 0.48 -7.54
C ILE A 87 6.67 -0.17 -6.20
N ALA A 88 5.46 0.07 -5.71
CA ALA A 88 5.09 -0.19 -4.33
C ALA A 88 3.56 -0.12 -4.22
N PRO A 89 2.99 -0.52 -3.08
CA PRO A 89 1.54 -0.29 -2.85
C PRO A 89 1.30 1.17 -2.48
N LEU A 90 1.41 2.02 -3.49
CA LEU A 90 1.40 3.47 -3.37
C LEU A 90 0.10 3.99 -3.98
N THR A 91 -0.74 4.59 -3.15
CA THR A 91 -2.06 5.05 -3.56
C THR A 91 -1.98 6.31 -4.41
N ILE A 92 -2.73 6.29 -5.50
CA ILE A 92 -2.91 7.47 -6.35
C ILE A 92 -3.83 8.44 -5.61
N THR A 93 -3.32 9.63 -5.28
CA THR A 93 -4.09 10.68 -4.63
C THR A 93 -3.83 12.01 -5.33
N LEU A 94 -4.79 12.92 -5.14
CA LEU A 94 -4.68 14.24 -5.76
CA LEU A 94 -4.69 14.25 -5.74
C LEU A 94 -3.40 14.95 -5.35
N VAL A 95 -3.12 15.04 -4.04
CA VAL A 95 -1.97 15.85 -3.67
C VAL A 95 -0.67 15.25 -4.17
N ARG A 96 -0.58 13.91 -4.28
CA ARG A 96 0.61 13.32 -4.87
C ARG A 96 0.66 13.56 -6.37
N GLU A 97 -0.47 13.46 -7.05
CA GLU A 97 -0.52 13.67 -8.50
CA GLU A 97 -0.51 13.68 -8.50
C GLU A 97 -0.14 15.11 -8.87
N GLU A 98 -0.26 16.04 -7.94
CA GLU A 98 0.19 17.40 -8.23
C GLU A 98 1.70 17.51 -8.33
N VAL A 99 2.45 16.58 -7.74
CA VAL A 99 3.90 16.72 -7.67
C VAL A 99 4.68 15.62 -8.38
N ILE A 100 4.07 14.46 -8.62
CA ILE A 100 4.67 13.35 -9.36
CA ILE A 100 4.68 13.38 -9.39
C ILE A 100 3.63 12.87 -10.37
N ASP A 101 4.06 11.99 -11.28
CA ASP A 101 3.16 11.33 -12.23
C ASP A 101 2.88 9.90 -11.78
N PHE A 102 1.66 9.45 -11.99
CA PHE A 102 1.27 8.07 -11.73
C PHE A 102 0.80 7.40 -13.01
N SER A 103 1.17 6.14 -13.17
CA SER A 103 0.53 5.29 -14.16
C SER A 103 -0.93 5.11 -13.82
N LYS A 104 -1.68 4.62 -14.80
CA LYS A 104 -2.99 4.06 -14.52
C LYS A 104 -2.86 2.95 -13.48
N PRO A 105 -3.93 2.63 -12.75
CA PRO A 105 -3.78 1.70 -11.64
C PRO A 105 -3.32 0.32 -12.08
N PHE A 106 -2.46 -0.29 -11.27
CA PHE A 106 -2.15 -1.70 -11.43
C PHE A 106 -2.93 -2.58 -10.46
N MET A 107 -3.60 -1.98 -9.48
N MET A 107 -3.51 -1.99 -9.43
CA MET A 107 -4.40 -2.72 -8.51
CA MET A 107 -4.43 -2.67 -8.56
C MET A 107 -5.46 -1.75 -7.98
C MET A 107 -5.55 -1.71 -8.20
N SER A 108 -6.73 -2.19 -8.00
N SER A 108 -6.70 -2.28 -7.88
CA SER A 108 -7.90 -1.41 -7.57
CA SER A 108 -7.83 -1.56 -7.32
C SER A 108 -8.36 -1.94 -6.21
C SER A 108 -7.94 -1.92 -5.85
N LEU A 109 -8.74 -1.02 -5.31
N LEU A 109 -8.41 -0.97 -5.06
CA LEU A 109 -8.86 -1.35 -3.88
CA LEU A 109 -8.54 -1.25 -3.65
C LEU A 109 -9.65 -0.26 -3.14
C LEU A 109 -9.41 -0.17 -3.04
N GLY A 110 -9.79 -0.44 -1.80
CA GLY A 110 -10.37 0.60 -0.95
C GLY A 110 -10.07 0.31 0.50
N ILE A 111 -10.28 1.30 1.35
CA ILE A 111 -10.16 1.10 2.80
C ILE A 111 -11.22 0.11 3.27
N SER A 112 -10.84 -0.74 4.23
CA SER A 112 -11.64 -1.89 4.65
CA SER A 112 -11.67 -1.86 4.67
C SER A 112 -11.41 -2.12 6.14
N ILE A 113 -12.26 -2.97 6.74
CA ILE A 113 -12.19 -3.29 8.16
C ILE A 113 -11.71 -4.73 8.32
N MET A 114 -10.67 -4.91 9.14
CA MET A 114 -10.20 -6.21 9.59
C MET A 114 -10.64 -6.43 11.03
N ILE A 115 -11.32 -7.54 11.29
CA ILE A 115 -11.71 -7.93 12.63
C ILE A 115 -11.05 -9.26 12.98
N LYS A 116 -10.92 -9.49 14.27
CA LYS A 116 -10.75 -10.84 14.80
C LYS A 116 -12.08 -11.57 14.61
N LYS A 117 -12.01 -12.82 14.16
CA LYS A 117 -13.24 -13.57 13.95
C LYS A 117 -14.12 -13.50 15.19
N GLY A 118 -15.40 -13.28 14.96
CA GLY A 118 -16.39 -13.22 16.02
C GLY A 118 -16.67 -11.83 16.55
N THR A 119 -15.92 -10.83 16.15
CA THR A 119 -16.19 -9.46 16.57
C THR A 119 -17.52 -8.99 15.99
N PRO A 120 -18.41 -8.42 16.80
CA PRO A 120 -19.75 -8.02 16.32
C PRO A 120 -19.74 -6.65 15.64
N ILE A 121 -19.07 -6.58 14.51
CA ILE A 121 -18.95 -5.38 13.69
C ILE A 121 -19.09 -5.81 12.23
N GLU A 122 -19.92 -5.08 11.47
CA GLU A 122 -20.12 -5.35 10.05
C GLU A 122 -19.82 -4.16 9.15
N SER A 123 -19.58 -2.96 9.69
CA SER A 123 -19.44 -1.77 8.86
C SER A 123 -18.73 -0.67 9.63
N ALA A 124 -18.28 0.34 8.88
CA ALA A 124 -17.70 1.52 9.49
C ALA A 124 -18.73 2.23 10.34
N GLU A 125 -19.98 2.29 9.89
CA GLU A 125 -21.01 2.90 10.72
C GLU A 125 -21.13 2.20 12.06
N ASP A 126 -21.09 0.86 12.07
CA ASP A 126 -21.08 0.13 13.34
C ASP A 126 -19.94 0.57 14.24
N LEU A 127 -18.73 0.66 13.71
CA LEU A 127 -17.61 1.12 14.54
C LEU A 127 -17.87 2.50 15.10
N SER A 128 -18.36 3.41 14.25
CA SER A 128 -18.45 4.82 14.59
C SER A 128 -19.40 5.07 15.74
N LYS A 129 -20.38 4.18 15.93
CA LYS A 129 -21.41 4.34 16.94
C LYS A 129 -21.01 3.82 18.31
N GLN A 130 -19.78 3.34 18.50
CA GLN A 130 -19.41 2.68 19.75
C GLN A 130 -17.95 2.94 20.08
N THR A 131 -17.53 2.53 21.28
CA THR A 131 -16.14 2.70 21.72
C THR A 131 -15.57 1.46 22.38
N GLU A 132 -16.40 0.45 22.72
CA GLU A 132 -15.92 -0.75 23.38
C GLU A 132 -14.89 -1.47 22.53
N ILE A 133 -15.15 -1.55 21.22
CA ILE A 133 -14.20 -2.12 20.27
C ILE A 133 -13.43 -0.92 19.70
N ALA A 134 -12.18 -0.81 20.09
CA ALA A 134 -11.34 0.27 19.61
C ALA A 134 -10.95 0.02 18.16
N TYR A 135 -10.61 1.09 17.43
CA TYR A 135 -10.28 0.95 16.03
C TYR A 135 -9.35 2.06 15.60
N GLY A 136 -8.44 1.75 14.66
CA GLY A 136 -7.49 2.72 14.20
C GLY A 136 -6.83 2.29 12.90
N THR A 137 -5.76 3.01 12.54
CA THR A 137 -5.09 2.92 11.27
C THR A 137 -3.58 2.92 11.50
N LEU A 138 -2.82 2.75 10.43
CA LEU A 138 -1.42 3.15 10.43
C LEU A 138 -1.26 4.61 10.85
N ASP A 139 -0.10 4.93 11.41
CA ASP A 139 0.16 6.29 11.87
C ASP A 139 0.70 7.20 10.77
N SER A 140 0.80 6.71 9.54
CA SER A 140 1.26 7.47 8.40
CA SER A 140 1.21 7.49 8.40
C SER A 140 0.64 6.82 7.17
N GLY A 141 0.40 7.58 6.12
CA GLY A 141 -0.05 7.04 4.85
C GLY A 141 -1.48 7.45 4.50
N SER A 142 -1.95 6.91 3.38
CA SER A 142 -3.20 7.37 2.80
C SER A 142 -4.42 6.95 3.61
N THR A 143 -4.38 5.81 4.31
CA THR A 143 -5.53 5.41 5.11
C THR A 143 -5.76 6.41 6.24
N LYS A 144 -4.72 6.73 6.98
CA LYS A 144 -4.83 7.74 8.03
C LYS A 144 -5.32 9.06 7.46
N GLU A 145 -4.73 9.48 6.35
CA GLU A 145 -5.07 10.77 5.75
C GLU A 145 -6.52 10.81 5.28
N PHE A 146 -7.06 9.69 4.82
CA PHE A 146 -8.46 9.62 4.43
C PHE A 146 -9.35 10.08 5.58
N PHE A 147 -9.11 9.53 6.76
CA PHE A 147 -9.90 9.92 7.92
C PHE A 147 -9.62 11.35 8.36
N ARG A 148 -8.36 11.75 8.39
CA ARG A 148 -8.02 13.11 8.82
C ARG A 148 -8.71 14.16 7.95
N ARG A 149 -8.82 13.92 6.65
CA ARG A 149 -9.35 14.91 5.73
C ARG A 149 -10.82 14.75 5.44
N SER A 150 -11.47 13.67 5.86
CA SER A 150 -12.82 13.40 5.41
C SER A 150 -13.81 14.42 5.95
N LYS A 151 -14.72 14.84 5.10
CA LYS A 151 -15.87 15.64 5.47
C LYS A 151 -17.14 14.82 5.51
N ILE A 152 -17.05 13.51 5.27
CA ILE A 152 -18.21 12.62 5.37
C ILE A 152 -18.50 12.41 6.85
N ALA A 153 -19.77 12.53 7.25
CA ALA A 153 -20.09 12.56 8.68
C ALA A 153 -19.55 11.35 9.43
N VAL A 154 -19.80 10.13 8.94
CA VAL A 154 -19.37 8.93 9.66
CA VAL A 154 -19.38 8.96 9.68
C VAL A 154 -17.85 8.92 9.80
N PHE A 155 -17.14 9.21 8.73
CA PHE A 155 -15.69 9.12 8.76
C PHE A 155 -15.06 10.23 9.59
N ASP A 156 -15.65 11.41 9.56
CA ASP A 156 -15.16 12.49 10.42
CA ASP A 156 -15.19 12.51 10.42
C ASP A 156 -15.38 12.16 11.90
N LYS A 157 -16.52 11.53 12.23
CA LYS A 157 -16.73 11.09 13.59
C LYS A 157 -15.69 10.06 13.99
N MET A 158 -15.38 9.13 13.09
CA MET A 158 -14.34 8.15 13.34
C MET A 158 -12.98 8.81 13.57
N TRP A 159 -12.66 9.85 12.81
CA TRP A 159 -11.38 10.54 13.02
C TRP A 159 -11.32 11.22 14.38
N THR A 160 -12.39 11.91 14.76
CA THR A 160 -12.44 12.56 16.07
C THR A 160 -12.28 11.53 17.18
N TYR A 161 -12.92 10.37 17.04
CA TYR A 161 -12.74 9.26 17.96
C TYR A 161 -11.28 8.81 17.99
N MET A 162 -10.68 8.59 16.82
CA MET A 162 -9.32 8.04 16.79
CA MET A 162 -9.32 8.03 16.82
C MET A 162 -8.32 9.00 17.44
N ARG A 163 -8.47 10.28 17.19
CA ARG A 163 -7.51 11.23 17.75
C ARG A 163 -7.56 11.26 19.26
N SER A 164 -8.72 11.03 19.85
CA SER A 164 -8.94 11.16 21.28
CA SER A 164 -8.83 11.15 21.29
C SER A 164 -8.95 9.83 22.03
N ALA A 165 -8.96 8.69 21.33
CA ALA A 165 -9.08 7.40 22.00
C ALA A 165 -7.81 7.06 22.76
N GLU A 166 -7.97 6.37 23.89
CA GLU A 166 -6.86 5.93 24.71
C GLU A 166 -7.04 4.46 25.08
N PRO A 167 -5.97 3.65 25.05
CA PRO A 167 -4.64 4.01 24.56
C PRO A 167 -4.64 4.28 23.05
N SER A 168 -3.52 4.76 22.52
CA SER A 168 -3.47 5.14 21.12
C SER A 168 -3.97 4.00 20.25
N VAL A 169 -4.81 4.36 19.27
CA VAL A 169 -5.34 3.37 18.34
C VAL A 169 -4.49 3.24 17.08
N PHE A 170 -3.43 4.03 16.96
CA PHE A 170 -2.62 3.99 15.76
C PHE A 170 -1.51 2.97 15.92
N VAL A 171 -1.02 2.46 14.79
CA VAL A 171 0.05 1.48 14.76
C VAL A 171 1.11 1.96 13.77
N ARG A 172 2.35 1.51 13.98
CA ARG A 172 3.47 1.95 13.15
CA ARG A 172 3.45 1.96 13.13
C ARG A 172 3.59 1.15 11.86
N THR A 173 3.21 -0.13 11.88
CA THR A 173 3.38 -1.02 10.73
C THR A 173 2.15 -1.90 10.57
N THR A 174 1.98 -2.44 9.36
CA THR A 174 0.93 -3.42 9.12
C THR A 174 1.03 -4.60 10.06
N ALA A 175 2.26 -5.12 10.26
CA ALA A 175 2.43 -6.25 11.16
C ALA A 175 1.92 -5.92 12.55
N GLU A 176 2.17 -4.70 13.02
CA GLU A 176 1.68 -4.32 14.34
CA GLU A 176 1.69 -4.29 14.34
C GLU A 176 0.16 -4.25 14.38
N GLY A 177 -0.47 -3.71 13.34
CA GLY A 177 -1.93 -3.67 13.32
C GLY A 177 -2.54 -5.05 13.32
N VAL A 178 -2.00 -5.95 12.51
CA VAL A 178 -2.51 -7.32 12.44
C VAL A 178 -2.32 -8.02 13.77
N ALA A 179 -1.13 -7.90 14.37
CA ALA A 179 -0.90 -8.54 15.66
C ALA A 179 -1.83 -7.97 16.72
N ARG A 180 -2.12 -6.67 16.65
CA ARG A 180 -3.01 -6.07 17.64
C ARG A 180 -4.43 -6.63 17.49
N VAL A 181 -4.91 -6.79 16.26
CA VAL A 181 -6.21 -7.45 16.06
C VAL A 181 -6.16 -8.84 16.68
N ARG A 182 -5.10 -9.59 16.38
CA ARG A 182 -5.04 -10.99 16.76
C ARG A 182 -4.97 -11.17 18.27
N LYS A 183 -4.35 -10.21 18.98
CA LYS A 183 -4.11 -10.35 20.41
C LYS A 183 -5.16 -9.67 21.27
N SER A 184 -6.10 -8.92 20.68
CA SER A 184 -6.96 -8.06 21.48
C SER A 184 -8.34 -8.64 21.77
N LYS A 185 -8.58 -9.92 21.49
CA LYS A 185 -9.79 -10.60 21.96
C LYS A 185 -11.05 -9.92 21.45
N GLY A 186 -10.98 -9.39 20.23
CA GLY A 186 -12.11 -8.72 19.60
C GLY A 186 -12.28 -7.28 19.96
N LYS A 187 -11.38 -6.70 20.75
CA LYS A 187 -11.52 -5.34 21.22
C LYS A 187 -10.70 -4.35 20.42
N TYR A 188 -10.10 -4.78 19.30
CA TYR A 188 -9.46 -3.87 18.36
C TYR A 188 -9.83 -4.31 16.96
N ALA A 189 -10.28 -3.37 16.15
CA ALA A 189 -10.52 -3.56 14.72
C ALA A 189 -9.59 -2.62 13.96
N TYR A 190 -9.08 -3.08 12.83
CA TYR A 190 -8.02 -2.38 12.11
C TYR A 190 -8.55 -1.91 10.77
N LEU A 191 -8.40 -0.62 10.48
CA LEU A 191 -8.80 -0.05 9.19
CA LEU A 191 -8.79 -0.04 9.20
C LEU A 191 -7.57 -0.02 8.31
N LEU A 192 -7.64 -0.70 7.16
CA LEU A 192 -6.49 -0.91 6.30
C LEU A 192 -6.96 -1.12 4.87
N GLU A 193 -6.00 -1.04 3.94
CA GLU A 193 -6.36 -1.24 2.54
C GLU A 193 -6.84 -2.68 2.29
N SER A 194 -7.84 -2.79 1.43
CA SER A 194 -8.54 -4.06 1.19
C SER A 194 -7.58 -5.13 0.70
N THR A 195 -6.62 -4.75 -0.14
CA THR A 195 -5.57 -5.63 -0.65
C THR A 195 -4.86 -6.34 0.50
N MET A 196 -4.41 -5.57 1.47
CA MET A 196 -3.72 -6.15 2.60
C MET A 196 -4.66 -7.02 3.42
N ASN A 197 -5.89 -6.56 3.62
CA ASN A 197 -6.88 -7.32 4.40
C ASN A 197 -7.09 -8.70 3.76
N GLU A 198 -7.24 -8.73 2.43
CA GLU A 198 -7.46 -9.96 1.69
C GLU A 198 -6.26 -10.91 1.81
N TYR A 199 -5.04 -10.35 1.78
CA TYR A 199 -3.83 -11.15 1.95
C TYR A 199 -3.79 -11.80 3.32
N ILE A 200 -3.97 -10.99 4.37
CA ILE A 200 -3.87 -11.48 5.73
C ILE A 200 -4.95 -12.51 6.05
N GLU A 201 -6.13 -12.37 5.46
CA GLU A 201 -7.20 -13.33 5.72
CA GLU A 201 -7.21 -13.33 5.68
C GLU A 201 -6.81 -14.73 5.29
N GLN A 202 -5.86 -14.88 4.36
CA GLN A 202 -5.40 -16.19 3.92
C GLN A 202 -4.05 -16.58 4.55
N ARG A 203 -3.70 -15.97 5.68
CA ARG A 203 -2.50 -16.31 6.43
C ARG A 203 -2.85 -16.94 7.77
N LYS A 204 -2.13 -17.99 8.14
CA LYS A 204 -2.26 -18.57 9.46
C LYS A 204 -1.97 -17.49 10.51
N PRO A 205 -2.66 -17.53 11.66
CA PRO A 205 -3.58 -18.59 12.08
C PRO A 205 -5.04 -18.45 11.66
N CYS A 206 -5.34 -17.71 10.60
CA CYS A 206 -6.65 -17.77 9.97
C CYS A 206 -7.72 -17.29 10.95
N ASP A 207 -7.38 -16.23 11.68
CA ASP A 207 -8.22 -15.71 12.75
C ASP A 207 -8.75 -14.31 12.49
N THR A 208 -8.52 -13.78 11.28
CA THR A 208 -9.02 -12.48 10.89
C THR A 208 -9.99 -12.59 9.72
N MET A 209 -10.78 -11.55 9.55
CA MET A 209 -11.79 -11.49 8.52
C MET A 209 -11.93 -10.05 8.04
N LYS A 210 -12.10 -9.91 6.72
CA LYS A 210 -12.55 -8.65 6.13
C LYS A 210 -14.06 -8.56 6.25
N VAL A 211 -14.57 -7.43 6.75
CA VAL A 211 -16.01 -7.24 6.88
C VAL A 211 -16.43 -5.91 6.27
N GLY A 212 -17.66 -5.87 5.76
CA GLY A 212 -18.23 -4.65 5.26
C GLY A 212 -17.78 -4.34 3.85
N GLY A 213 -18.47 -3.40 3.23
CA GLY A 213 -18.00 -2.87 1.97
C GLY A 213 -16.79 -1.99 2.15
N ASN A 214 -16.05 -1.77 1.08
CA ASN A 214 -14.95 -0.84 1.17
C ASN A 214 -15.49 0.58 1.34
N LEU A 215 -14.70 1.43 2.01
CA LEU A 215 -15.13 2.78 2.30
C LEU A 215 -14.93 3.71 1.12
N ASP A 216 -14.04 3.36 0.21
CA ASP A 216 -13.69 4.17 -0.95
C ASP A 216 -13.24 3.24 -2.08
N SER A 217 -12.91 3.82 -3.24
N SER A 217 -12.97 3.83 -3.22
CA SER A 217 -12.54 3.09 -4.47
CA SER A 217 -12.48 3.12 -4.37
C SER A 217 -11.33 3.81 -5.10
C SER A 217 -11.30 3.93 -4.87
N LYS A 218 -10.14 3.23 -4.90
N LYS A 218 -10.20 3.26 -5.16
CA LYS A 218 -8.87 3.87 -5.26
CA LYS A 218 -8.98 3.95 -5.57
C LYS A 218 -8.02 2.89 -6.07
C LYS A 218 -8.00 2.89 -6.04
N GLY A 219 -6.81 3.33 -6.41
CA GLY A 219 -5.87 2.46 -7.07
C GLY A 219 -4.44 2.72 -6.62
N TYR A 220 -3.60 1.71 -6.80
CA TYR A 220 -2.16 1.87 -6.71
C TYR A 220 -1.62 2.16 -8.09
N GLY A 221 -0.64 3.07 -8.18
CA GLY A 221 0.00 3.38 -9.43
C GLY A 221 1.51 3.38 -9.29
N ILE A 222 2.17 3.15 -10.43
CA ILE A 222 3.63 3.32 -10.53
CA ILE A 222 3.62 3.32 -10.50
C ILE A 222 3.91 4.81 -10.65
N ALA A 223 4.85 5.31 -9.86
CA ALA A 223 5.10 6.76 -9.82
C ALA A 223 6.46 7.10 -10.40
N THR A 224 6.52 8.23 -11.10
CA THR A 224 7.74 8.77 -11.67
C THR A 224 7.77 10.27 -11.42
N PRO A 225 8.95 10.89 -11.48
CA PRO A 225 9.01 12.34 -11.34
C PRO A 225 8.19 13.00 -12.44
N LYS A 226 7.66 14.17 -12.11
CA LYS A 226 6.76 14.85 -13.01
C LYS A 226 7.50 15.09 -14.30
N GLY A 227 6.84 14.74 -15.39
CA GLY A 227 7.42 14.96 -16.70
C GLY A 227 8.47 13.95 -17.14
N SER A 228 8.75 12.92 -16.34
CA SER A 228 9.76 11.93 -16.70
C SER A 228 9.37 11.21 -17.98
N SER A 229 10.35 11.04 -18.86
N SER A 229 10.36 11.01 -18.84
CA SER A 229 10.09 10.30 -20.09
CA SER A 229 10.19 10.31 -20.11
C SER A 229 9.70 8.85 -19.78
C SER A 229 10.29 8.79 -19.95
N LEU A 230 10.26 8.29 -18.71
CA LEU A 230 9.96 6.91 -18.41
C LEU A 230 8.47 6.76 -18.17
N GLY A 231 7.80 7.85 -17.80
CA GLY A 231 6.41 7.75 -17.39
C GLY A 231 5.49 7.23 -18.47
N ASN A 232 5.64 7.71 -19.72
CA ASN A 232 4.74 7.26 -20.77
C ASN A 232 4.89 5.76 -20.99
N ALA A 233 6.13 5.28 -21.09
CA ALA A 233 6.34 3.88 -21.38
C ALA A 233 5.83 3.01 -20.25
N VAL A 234 6.07 3.42 -19.01
CA VAL A 234 5.62 2.63 -17.87
C VAL A 234 4.10 2.57 -17.82
N ASN A 235 3.44 3.68 -18.12
CA ASN A 235 1.99 3.68 -18.12
C ASN A 235 1.44 2.70 -19.15
N LEU A 236 1.99 2.73 -20.35
CA LEU A 236 1.55 1.79 -21.38
C LEU A 236 1.86 0.35 -20.98
N ALA A 237 2.99 0.12 -20.30
CA ALA A 237 3.32 -1.22 -19.83
C ALA A 237 2.30 -1.73 -18.83
N VAL A 238 1.90 -0.89 -17.87
CA VAL A 238 0.88 -1.30 -16.91
C VAL A 238 -0.39 -1.70 -17.63
N LEU A 239 -0.82 -0.87 -18.60
CA LEU A 239 -2.04 -1.21 -19.33
C LEU A 239 -1.89 -2.53 -20.08
N LYS A 240 -0.73 -2.77 -20.70
CA LYS A 240 -0.49 -4.02 -21.42
CA LYS A 240 -0.52 -4.01 -21.43
C LYS A 240 -0.57 -5.20 -20.48
N LEU A 241 0.12 -5.12 -19.34
CA LEU A 241 0.12 -6.24 -18.40
C LEU A 241 -1.29 -6.51 -17.90
N ASN A 242 -2.06 -5.45 -17.67
CA ASN A 242 -3.44 -5.66 -17.25
C ASN A 242 -4.23 -6.36 -18.35
N GLU A 243 -4.10 -5.87 -19.58
CA GLU A 243 -4.89 -6.38 -20.70
C GLU A 243 -4.52 -7.81 -21.05
N GLN A 244 -3.28 -8.22 -20.76
CA GLN A 244 -2.84 -9.60 -21.00
C GLN A 244 -3.28 -10.55 -19.89
N GLY A 245 -3.86 -10.04 -18.80
CA GLY A 245 -4.23 -10.87 -17.67
C GLY A 245 -3.11 -11.13 -16.69
N LEU A 246 -1.95 -10.52 -16.89
CA LEU A 246 -0.79 -10.82 -16.06
C LEU A 246 -0.92 -10.25 -14.66
N LEU A 247 -1.59 -9.11 -14.49
CA LEU A 247 -1.74 -8.54 -13.15
C LEU A 247 -2.67 -9.42 -12.31
N ASP A 248 -3.70 -9.99 -12.95
CA ASP A 248 -4.59 -10.89 -12.22
C ASP A 248 -3.85 -12.15 -11.79
N LYS A 249 -3.01 -12.70 -12.66
CA LYS A 249 -2.23 -13.89 -12.29
C LYS A 249 -1.29 -13.56 -11.16
N LEU A 250 -0.69 -12.37 -11.18
CA LEU A 250 0.27 -12.00 -10.15
C LEU A 250 -0.40 -11.84 -8.78
N LYS A 251 -1.57 -11.22 -8.73
CA LYS A 251 -2.27 -11.14 -7.45
C LYS A 251 -2.63 -12.53 -6.96
N ASN A 252 -3.14 -13.39 -7.85
CA ASN A 252 -3.45 -14.75 -7.41
C ASN A 252 -2.22 -15.45 -6.86
N LYS A 253 -1.08 -15.29 -7.53
CA LYS A 253 0.15 -15.94 -7.07
C LYS A 253 0.48 -15.57 -5.63
N TRP A 254 0.45 -14.29 -5.32
CA TRP A 254 0.93 -13.80 -4.04
C TRP A 254 -0.13 -13.75 -2.95
N TRP A 255 -1.41 -13.85 -3.31
CA TRP A 255 -2.50 -13.82 -2.34
C TRP A 255 -3.10 -15.18 -2.05
N TYR A 256 -3.38 -15.96 -3.10
CA TYR A 256 -4.29 -17.10 -3.00
C TYR A 256 -3.67 -18.44 -3.35
N ASP A 257 -2.76 -18.50 -4.32
CA ASP A 257 -2.28 -19.80 -4.79
C ASP A 257 -1.65 -20.61 -3.65
N LYS A 258 -0.99 -19.93 -2.70
CA LYS A 258 -0.45 -20.58 -1.50
C LYS A 258 -1.14 -20.09 -0.23
N GLY A 259 -2.42 -19.72 -0.33
CA GLY A 259 -3.18 -19.37 0.86
C GLY A 259 -3.11 -20.47 1.89
N GLU A 260 -3.11 -20.08 3.17
CA GLU A 260 -2.87 -20.99 4.28
C GLU A 260 -4.14 -21.35 5.04
N CYS A 261 -5.30 -20.92 4.56
CA CYS A 261 -6.53 -21.00 5.33
C CYS A 261 -7.58 -21.83 4.61
N GLY A 262 -7.14 -22.75 3.75
CA GLY A 262 -8.02 -23.66 3.06
C GLY A 262 -8.28 -23.21 1.63
N SER A 263 -9.12 -23.99 0.96
CA SER A 263 -9.52 -23.67 -0.40
C SER A 263 -10.83 -22.91 -0.39
C1 GOL B . -20.91 -13.33 17.34
O1 GOL B . -20.04 -12.71 18.28
C2 GOL B . -21.51 -12.23 16.41
O2 GOL B . -22.14 -11.24 17.19
C3 GOL B . -20.39 -11.68 15.51
O3 GOL B . -19.83 -12.75 14.72
C1 GOL C . -11.65 -11.70 -11.51
C1 GOL C . -11.35 -11.63 -11.10
O1 GOL C . -12.96 -11.35 -11.17
O1 GOL C . -11.07 -12.15 -9.86
C2 GOL C . -10.79 -10.41 -11.40
C2 GOL C . -10.41 -10.42 -11.30
O2 GOL C . -11.33 -9.51 -10.48
O2 GOL C . -10.60 -9.48 -10.30
C3 GOL C . -10.70 -9.83 -12.83
C3 GOL C . -10.75 -9.85 -12.70
O3 GOL C . -9.75 -8.80 -12.80
O3 GOL C . -9.85 -8.78 -12.94
C1 GOL D . 3.15 0.27 6.44
O1 GOL D . 2.97 -0.18 5.14
C2 GOL D . 4.32 -0.52 7.04
O2 GOL D . 3.96 -1.86 7.34
C3 GOL D . 5.45 -0.41 6.03
O3 GOL D . 6.66 -0.46 6.77
C1 GOL E . -12.26 -17.51 4.77
O1 GOL E . -11.34 -16.81 4.00
C2 GOL E . -11.78 -17.40 6.21
O2 GOL E . -12.62 -18.09 7.08
C3 GOL E . -10.37 -17.95 6.21
O3 GOL E . -10.01 -18.07 7.52
S SO4 F . -7.30 -16.01 20.79
O1 SO4 F . -7.12 -17.19 21.62
O2 SO4 F . -8.17 -16.35 19.68
O3 SO4 F . -7.94 -14.88 21.51
O4 SO4 F . -6.05 -15.54 20.21
S SO4 G . 3.93 11.70 8.07
O1 SO4 G . 4.16 10.43 8.74
O2 SO4 G . 2.87 12.41 8.79
O3 SO4 G . 5.18 12.47 8.19
O4 SO4 G . 3.72 11.50 6.67
S SO4 H . 1.34 26.24 1.11
O1 SO4 H . 1.46 25.05 1.95
O2 SO4 H . -0.06 26.62 0.97
O3 SO4 H . 2.06 27.34 1.76
O4 SO4 H . 1.94 25.97 -0.19
S SO4 I . -4.44 -19.01 -19.56
O1 SO4 I . -3.64 -20.13 -19.08
O2 SO4 I . -5.70 -18.91 -18.82
O3 SO4 I . -3.69 -17.75 -19.42
O4 SO4 I . -4.73 -19.24 -20.99
C1 PVQ J . -2.62 0.38 4.52
C2 PVQ J . -1.92 2.63 3.89
C3 PVQ J . 0.26 -0.03 2.24
C4 PVQ J . -0.75 0.73 3.06
C5 PVQ J . -1.52 -0.10 3.73
C6 PVQ J . -1.18 -1.53 3.51
C7 PVQ J . -0.07 3.06 2.39
C8 PVQ J . -0.84 3.71 1.23
C9 PVQ J . -0.14 4.97 0.73
N1 PVQ J . -2.76 1.76 4.53
N2 PVQ J . -0.90 2.11 3.09
N3 PVQ J . -0.05 -1.43 2.55
N4 PVQ J . -1.04 2.77 0.10
O1 PVQ J . -3.41 -0.31 5.17
O2 PVQ J . -2.07 3.83 3.99
O3 PVQ J . 0.04 5.87 1.57
O4 PVQ J . 0.18 5.03 -0.48
N NH4 K . 0.89 14.31 -12.52
CL CL L . 24.21 3.03 -15.16
CL CL M . 11.25 -8.97 4.46
#